data_2P0O
#
_entry.id   2P0O
#
_cell.length_a   86.244
_cell.length_b   86.244
_cell.length_c   109.764
_cell.angle_alpha   90.00
_cell.angle_beta   90.00
_cell.angle_gamma   120.00
#
_symmetry.space_group_name_H-M   'P 63'
#
loop_
_entity.id
_entity.type
_entity.pdbx_description
1 polymer 'Hypothetical protein DUF871'
2 non-polymer 'CHLORIDE ION'
3 non-polymer 'SODIUM ION'
4 water water
#
_entity_poly.entity_id   1
_entity_poly.type   'polypeptide(L)'
_entity_poly.pdbx_seq_one_letter_code
;SNA(MSE)YGISVFLGEEITNDTIIYIKK(MSE)KALGFDGIFTSLHIPEDDTSLYRQRLTDLGAIAKAEK(MSE)KI
(MSE)VDISGEALKRAGFSFDELEPLIELGVTGLR(MSE)DYGITIEQ(MSE)AHASHKIDIGLNASTITLEEVAELKAH
QADFSRLEAWHNYYPRPETGIGTTFFNEKNRWLKELGLQVFTFVPGDGQTRGPIFAGLPTLEKHRGQNPFAAAVGL
(MSE)ADPYVDAVYIGDPTISERT(MSE)AQFGYYHQTNQFLLEVAPSESRYLKRILGTHTNRLDAARDVLRSELSRTSE
(MSE)FRKDEIATIESEQTEARPVGTVTIDNEKYGRY(MSE)GEIQVTLVDLPKDEKVNTITRIIDKDQTILPLIKAGNQ
FTLVTEGTIENEFRKLNN
;
_entity_poly.pdbx_strand_id   A
#
# COMPACT_ATOMS: atom_id res chain seq x y z
N ALA A 3 -5.05 -10.53 -5.88
CA ALA A 3 -4.24 -9.26 -6.02
C ALA A 3 -5.07 -8.00 -5.65
N TYR A 5 -5.94 -4.39 -3.47
CA TYR A 5 -5.67 -3.22 -2.64
C TYR A 5 -6.95 -2.78 -1.95
N GLY A 6 -6.83 -2.34 -0.68
CA GLY A 6 -7.99 -1.92 0.09
C GLY A 6 -7.79 -0.68 0.94
N ILE A 7 -8.91 -0.17 1.45
CA ILE A 7 -8.96 1.00 2.35
C ILE A 7 -9.71 0.67 3.64
N SER A 8 -9.51 1.50 4.65
CA SER A 8 -10.29 1.39 5.90
C SER A 8 -11.26 2.52 6.01
N VAL A 9 -12.38 2.24 6.65
CA VAL A 9 -13.38 3.25 6.94
C VAL A 9 -13.74 3.11 8.40
N PHE A 10 -13.92 4.23 9.08
CA PHE A 10 -14.17 4.27 10.52
C PHE A 10 -15.61 4.73 10.78
N LEU A 11 -16.44 3.80 11.23
CA LEU A 11 -17.86 4.08 11.40
C LEU A 11 -18.21 4.58 12.79
N GLY A 12 -17.19 4.91 13.58
CA GLY A 12 -17.35 5.54 14.89
C GLY A 12 -17.75 7.00 14.73
N GLU A 13 -17.79 7.43 13.48
CA GLU A 13 -18.21 8.79 13.14
C GLU A 13 -19.19 8.73 11.95
N GLU A 14 -19.97 9.78 11.74
CA GLU A 14 -20.91 9.80 10.60
C GLU A 14 -20.13 9.89 9.28
N ILE A 15 -20.59 9.13 8.27
CA ILE A 15 -19.89 9.08 6.97
C ILE A 15 -19.99 10.42 6.26
N THR A 16 -18.89 11.18 6.28
CA THR A 16 -18.82 12.51 5.66
C THR A 16 -18.83 12.42 4.15
N ASN A 17 -19.00 13.59 3.47
CA ASN A 17 -18.91 13.61 2.01
C ASN A 17 -17.48 13.40 1.54
N ASP A 18 -16.53 13.95 2.32
CA ASP A 18 -15.13 13.67 2.10
C ASP A 18 -14.84 12.18 2.07
N THR A 19 -15.42 11.43 3.01
CA THR A 19 -15.24 9.99 3.04
C THR A 19 -15.78 9.27 1.81
N ILE A 20 -16.99 9.63 1.39
CA ILE A 20 -17.60 9.13 0.16
C ILE A 20 -16.76 9.49 -1.08
N ILE A 21 -16.41 10.77 -1.24
CA ILE A 21 -15.47 11.22 -2.28
C ILE A 21 -14.23 10.33 -2.32
N TYR A 22 -13.60 10.17 -1.15
CA TYR A 22 -12.45 9.31 -0.97
C TYR A 22 -12.65 7.87 -1.44
N ILE A 23 -13.72 7.24 -0.97
CA ILE A 23 -14.02 5.85 -1.32
C ILE A 23 -14.12 5.67 -2.86
N LYS A 24 -14.90 6.54 -3.48
CA LYS A 24 -15.09 6.54 -4.92
C LYS A 24 -13.78 6.75 -5.69
N LYS A 25 -12.96 7.71 -5.25
CA LYS A 25 -11.66 7.94 -5.88
C LYS A 25 -10.74 6.74 -5.72
N LYS A 27 -11.50 3.55 -5.36
CA LYS A 27 -11.96 2.57 -6.34
C LYS A 27 -11.40 2.84 -7.75
N ALA A 28 -11.56 4.07 -8.26
CA ALA A 28 -10.96 4.44 -9.55
C ALA A 28 -9.42 4.36 -9.57
N LEU A 29 -8.79 4.33 -8.41
CA LEU A 29 -7.35 4.21 -8.36
C LEU A 29 -6.91 2.75 -8.23
N GLY A 30 -7.83 1.80 -8.33
CA GLY A 30 -7.48 0.38 -8.23
C GLY A 30 -7.62 -0.30 -6.86
N PHE A 31 -8.41 0.31 -5.97
CA PHE A 31 -8.76 -0.27 -4.65
C PHE A 31 -10.14 -0.92 -4.70
N ASP A 32 -10.24 -2.22 -4.38
CA ASP A 32 -11.50 -2.96 -4.50
C ASP A 32 -12.10 -3.43 -3.21
N GLY A 33 -11.49 -3.04 -2.09
CA GLY A 33 -11.90 -3.53 -0.79
C GLY A 33 -11.94 -2.48 0.30
N ILE A 34 -12.83 -2.73 1.27
CA ILE A 34 -12.97 -1.95 2.47
C ILE A 34 -12.85 -2.85 3.68
N PHE A 35 -12.10 -2.37 4.68
CA PHE A 35 -12.06 -2.94 6.03
C PHE A 35 -12.65 -1.92 6.99
N THR A 36 -13.47 -2.41 7.92
CA THR A 36 -14.00 -1.56 8.98
C THR A 36 -14.10 -2.35 10.28
N SER A 37 -13.76 -1.68 11.38
CA SER A 37 -13.79 -2.30 12.71
C SER A 37 -14.82 -1.59 13.58
N LEU A 38 -15.82 -2.34 14.02
CA LEU A 38 -16.95 -1.78 14.77
C LEU A 38 -16.95 -2.09 16.26
N HIS A 39 -17.08 -1.03 17.07
CA HIS A 39 -17.38 -1.15 18.51
C HIS A 39 -18.69 -0.40 18.80
N ILE A 40 -19.72 -1.15 19.22
CA ILE A 40 -21.03 -0.58 19.58
C ILE A 40 -21.36 -0.84 21.05
N PRO A 41 -20.88 0.01 21.98
CA PRO A 41 -21.38 -0.05 23.36
C PRO A 41 -22.71 0.71 23.56
N LEU A 47 -27.40 5.68 15.07
CA LEU A 47 -26.91 4.37 15.43
C LEU A 47 -25.96 3.87 14.35
N TYR A 48 -25.33 2.73 14.62
CA TYR A 48 -24.33 2.18 13.75
C TYR A 48 -24.93 1.31 12.65
N ARG A 49 -26.09 0.71 12.95
CA ARG A 49 -26.78 -0.16 11.97
C ARG A 49 -27.10 0.61 10.70
N GLN A 50 -27.54 1.91 10.85
CA GLN A 50 -27.83 2.73 9.68
C GLN A 50 -26.55 3.18 8.98
N ARG A 51 -25.48 3.42 9.75
CA ARG A 51 -24.15 3.70 9.20
C ARG A 51 -23.64 2.56 8.31
N LEU A 52 -23.83 1.33 8.75
CA LEU A 52 -23.42 0.14 7.99
C LEU A 52 -24.28 -0.03 6.77
N THR A 53 -25.62 0.29 6.87
CA THR A 53 -26.52 0.27 5.75
C THR A 53 -26.09 1.30 4.71
N ASP A 54 -25.65 2.49 5.16
CA ASP A 54 -25.11 3.58 4.22
C ASP A 54 -23.80 3.12 3.53
N LEU A 55 -22.92 2.48 4.28
CA LEU A 55 -21.61 2.07 3.72
C LEU A 55 -21.75 0.93 2.69
N GLY A 56 -22.51 -0.11 3.06
CA GLY A 56 -22.85 -1.20 2.13
C GLY A 56 -23.43 -0.69 0.82
N ALA A 57 -24.21 0.40 0.90
CA ALA A 57 -24.80 0.99 -0.30
C ALA A 57 -23.71 1.56 -1.19
N ILE A 58 -22.80 2.31 -0.58
CA ILE A 58 -21.65 2.82 -1.31
C ILE A 58 -20.85 1.66 -1.94
N ALA A 59 -20.54 0.64 -1.15
CA ALA A 59 -19.74 -0.50 -1.64
C ALA A 59 -20.41 -1.35 -2.74
N LYS A 60 -21.69 -1.64 -2.58
CA LYS A 60 -22.42 -2.35 -3.62
C LYS A 60 -22.37 -1.59 -4.96
N ALA A 61 -22.64 -0.29 -4.92
CA ALA A 61 -22.65 0.56 -6.12
C ALA A 61 -21.27 0.67 -6.74
N GLU A 62 -20.28 0.67 -5.87
CA GLU A 62 -18.92 0.90 -6.27
C GLU A 62 -18.20 -0.42 -6.57
N LYS A 63 -18.87 -1.55 -6.30
CA LYS A 63 -18.34 -2.91 -6.51
C LYS A 63 -17.08 -3.16 -5.69
N LYS A 65 -15.66 -4.79 -1.78
CA LYS A 65 -15.91 -5.71 -0.71
C LYS A 65 -15.86 -4.98 0.62
N ILE A 66 -16.49 -5.56 1.64
CA ILE A 66 -16.43 -5.05 3.00
C ILE A 66 -16.18 -6.18 3.98
N VAL A 68 -15.95 -6.81 7.84
CA VAL A 68 -16.28 -6.15 9.09
C VAL A 68 -15.66 -6.88 10.29
N ASP A 69 -14.80 -6.18 11.02
CA ASP A 69 -14.23 -6.71 12.23
C ASP A 69 -15.12 -6.26 13.38
N ILE A 70 -15.72 -7.22 14.07
CA ILE A 70 -16.74 -6.92 15.07
C ILE A 70 -16.79 -8.05 16.10
N SER A 71 -17.02 -7.70 17.36
CA SER A 71 -17.17 -8.70 18.41
C SER A 71 -18.52 -9.38 18.27
N GLY A 72 -18.60 -10.60 18.80
CA GLY A 72 -19.84 -11.40 18.82
C GLY A 72 -21.02 -10.65 19.40
N GLU A 73 -20.76 -9.90 20.49
CA GLU A 73 -21.80 -9.12 21.22
C GLU A 73 -22.22 -7.86 20.48
N ALA A 74 -21.25 -7.14 19.93
CA ALA A 74 -21.53 -5.97 19.10
C ALA A 74 -22.37 -6.32 17.85
N LEU A 75 -22.20 -7.52 17.32
CA LEU A 75 -22.99 -8.00 16.18
C LEU A 75 -24.45 -8.24 16.57
N LYS A 76 -24.67 -8.93 17.69
CA LYS A 76 -26.02 -9.17 18.21
C LYS A 76 -26.68 -7.86 18.63
N ARG A 77 -25.92 -7.00 19.30
CA ARG A 77 -26.41 -5.67 19.71
C ARG A 77 -26.46 -4.69 18.53
N ALA A 78 -26.38 -5.22 17.32
CA ALA A 78 -26.54 -4.45 16.09
C ALA A 78 -27.76 -4.99 15.33
N GLY A 79 -28.47 -5.90 15.98
CA GLY A 79 -29.68 -6.50 15.42
C GLY A 79 -29.43 -7.61 14.43
N PHE A 80 -28.16 -7.91 14.19
CA PHE A 80 -27.80 -9.04 13.36
C PHE A 80 -27.53 -10.27 14.22
N SER A 81 -27.57 -11.44 13.57
CA SER A 81 -27.08 -12.68 14.19
C SER A 81 -26.22 -13.44 13.18
N PHE A 82 -25.19 -14.10 13.71
CA PHE A 82 -24.24 -14.83 12.89
C PHE A 82 -24.85 -16.04 12.14
N ASP A 83 -25.98 -16.52 12.63
CA ASP A 83 -26.63 -17.69 12.05
C ASP A 83 -27.66 -17.30 10.99
N GLU A 84 -27.95 -16.01 10.92
CA GLU A 84 -28.94 -15.51 9.93
C GLU A 84 -28.31 -14.35 9.15
N LEU A 85 -27.52 -14.73 8.14
CA LEU A 85 -26.64 -13.77 7.45
C LEU A 85 -27.26 -13.14 6.16
N GLU A 86 -28.39 -13.62 5.70
CA GLU A 86 -28.97 -13.02 4.47
C GLU A 86 -29.12 -11.47 4.47
N PRO A 87 -29.71 -10.92 5.54
CA PRO A 87 -29.76 -9.49 5.70
C PRO A 87 -28.39 -8.77 5.59
N LEU A 88 -27.38 -9.29 6.26
CA LEU A 88 -26.02 -8.69 6.21
C LEU A 88 -25.43 -8.73 4.80
N ILE A 89 -25.70 -9.87 4.11
CA ILE A 89 -25.23 -10.01 2.75
C ILE A 89 -26.00 -9.04 1.86
N GLU A 90 -27.31 -8.96 2.09
CA GLU A 90 -28.18 -8.00 1.40
C GLU A 90 -27.70 -6.56 1.57
N LEU A 91 -27.10 -6.29 2.82
CA LEU A 91 -26.57 -4.94 3.07
C LEU A 91 -25.38 -4.54 2.17
N GLY A 92 -24.55 -5.52 1.82
CA GLY A 92 -23.29 -5.27 1.08
C GLY A 92 -22.04 -5.70 1.84
N VAL A 93 -22.25 -6.40 2.95
CA VAL A 93 -21.12 -6.94 3.69
C VAL A 93 -20.69 -8.28 3.08
N THR A 94 -19.39 -8.42 2.83
CA THR A 94 -18.87 -9.62 2.18
C THR A 94 -18.05 -10.52 3.11
N GLY A 95 -17.80 -10.03 4.32
CA GLY A 95 -16.89 -10.72 5.22
C GLY A 95 -17.07 -10.33 6.67
N LEU A 96 -16.89 -11.29 7.55
CA LEU A 96 -16.85 -11.02 8.98
C LEU A 96 -15.58 -11.56 9.63
N ARG A 97 -14.98 -10.72 10.44
CA ARG A 97 -13.86 -11.09 11.30
C ARG A 97 -14.35 -11.02 12.74
N ASP A 99 -14.09 -12.10 16.78
CA ASP A 99 -12.95 -12.18 17.66
C ASP A 99 -13.51 -12.63 18.97
N TYR A 100 -14.65 -12.08 19.32
CA TYR A 100 -15.30 -12.48 20.52
C TYR A 100 -16.48 -13.36 20.15
N GLY A 101 -16.68 -14.42 20.93
CA GLY A 101 -17.95 -15.14 21.01
C GLY A 101 -18.52 -15.96 19.86
N ILE A 102 -17.70 -16.29 18.87
CA ILE A 102 -18.15 -17.17 17.79
C ILE A 102 -17.25 -18.40 17.74
N THR A 103 -17.84 -19.59 17.63
CA THR A 103 -17.02 -20.79 17.54
C THR A 103 -16.40 -21.00 16.16
N ILE A 104 -15.32 -21.77 16.14
CA ILE A 104 -14.65 -22.21 14.92
C ILE A 104 -15.66 -22.91 14.01
N GLU A 105 -16.55 -23.68 14.64
CA GLU A 105 -17.61 -24.39 13.95
C GLU A 105 -18.61 -23.48 13.23
N GLN A 106 -19.05 -22.43 13.91
CA GLN A 106 -19.92 -21.44 13.30
C GLN A 106 -19.23 -20.81 12.11
N ALA A 108 -16.74 -22.04 10.25
CA ALA A 108 -16.62 -22.97 9.14
C ALA A 108 -17.90 -22.97 8.30
N HIS A 109 -19.04 -23.16 8.96
CA HIS A 109 -20.35 -23.10 8.32
C HIS A 109 -20.57 -21.79 7.59
N ALA A 110 -20.15 -20.69 8.20
CA ALA A 110 -20.36 -19.38 7.61
C ALA A 110 -19.45 -19.14 6.40
N SER A 111 -18.38 -19.94 6.27
CA SER A 111 -17.40 -19.66 5.21
C SER A 111 -17.94 -20.01 3.82
N HIS A 112 -18.97 -20.85 3.76
CA HIS A 112 -19.60 -21.17 2.48
C HIS A 112 -20.49 -20.06 1.98
N LYS A 113 -20.86 -19.14 2.88
CA LYS A 113 -21.77 -18.02 2.55
C LYS A 113 -21.03 -16.69 2.46
N ILE A 114 -20.01 -16.53 3.29
CA ILE A 114 -19.38 -15.23 3.43
C ILE A 114 -17.90 -15.44 3.70
N ASP A 115 -17.07 -14.47 3.36
CA ASP A 115 -15.66 -14.55 3.71
C ASP A 115 -15.53 -14.44 5.20
N ILE A 116 -14.53 -15.16 5.73
CA ILE A 116 -14.28 -15.19 7.17
C ILE A 116 -12.88 -14.64 7.47
N GLY A 117 -12.83 -13.60 8.29
CA GLY A 117 -11.59 -12.99 8.70
C GLY A 117 -11.05 -13.73 9.92
N LEU A 118 -9.79 -14.16 9.82
CA LEU A 118 -9.06 -14.71 10.95
C LEU A 118 -7.98 -13.70 11.40
N ASN A 119 -7.47 -13.92 12.60
CA ASN A 119 -6.43 -13.09 13.13
C ASN A 119 -5.09 -13.80 12.82
N ALA A 120 -4.31 -13.23 11.91
CA ALA A 120 -3.06 -13.85 11.44
C ALA A 120 -2.11 -14.25 12.57
N SER A 121 -2.05 -13.44 13.63
CA SER A 121 -1.14 -13.63 14.76
C SER A 121 -1.57 -14.66 15.78
N THR A 122 -2.87 -14.93 15.93
CA THR A 122 -3.33 -15.83 16.98
C THR A 122 -3.83 -17.16 16.47
N ILE A 123 -4.12 -17.24 15.17
CA ILE A 123 -4.66 -18.49 14.63
C ILE A 123 -3.65 -19.60 14.90
N THR A 124 -4.13 -20.68 15.50
CA THR A 124 -3.29 -21.84 15.83
C THR A 124 -3.49 -22.95 14.81
N LEU A 125 -2.52 -23.87 14.74
CA LEU A 125 -2.62 -25.06 13.90
C LEU A 125 -3.84 -25.93 14.27
N GLU A 126 -4.27 -25.83 15.52
CA GLU A 126 -5.41 -26.59 16.06
C GLU A 126 -6.72 -26.05 15.53
N GLU A 127 -6.88 -24.73 15.61
CA GLU A 127 -8.07 -24.04 15.11
C GLU A 127 -8.21 -24.24 13.59
N VAL A 128 -7.09 -24.18 12.88
CA VAL A 128 -7.05 -24.44 11.44
C VAL A 128 -7.45 -25.89 11.15
N ALA A 129 -7.00 -26.81 12.01
CA ALA A 129 -7.37 -28.21 11.89
C ALA A 129 -8.86 -28.44 12.21
N GLU A 130 -9.43 -27.55 13.03
CA GLU A 130 -10.84 -27.69 13.41
C GLU A 130 -11.76 -27.20 12.28
N LEU A 131 -11.33 -26.12 11.64
CA LEU A 131 -11.98 -25.59 10.44
C LEU A 131 -11.99 -26.60 9.28
N LYS A 132 -10.88 -27.31 9.10
CA LYS A 132 -10.82 -28.46 8.20
C LYS A 132 -11.88 -29.48 8.57
N ALA A 133 -11.90 -29.87 9.84
CA ALA A 133 -12.79 -30.90 10.35
C ALA A 133 -14.25 -30.53 10.14
N HIS A 134 -14.51 -29.22 10.06
CA HIS A 134 -15.85 -28.72 9.89
C HIS A 134 -16.09 -28.24 8.45
N GLN A 135 -15.20 -28.67 7.56
CA GLN A 135 -15.33 -28.42 6.12
C GLN A 135 -15.56 -26.95 5.83
N ALA A 136 -14.61 -26.12 6.28
CA ALA A 136 -14.64 -24.73 5.92
C ALA A 136 -14.23 -24.65 4.46
N ASP A 137 -14.77 -23.64 3.78
CA ASP A 137 -14.30 -23.22 2.47
C ASP A 137 -13.02 -22.39 2.73
N PHE A 138 -11.87 -23.03 2.57
CA PHE A 138 -10.56 -22.41 2.83
C PHE A 138 -10.23 -21.33 1.82
N SER A 139 -10.93 -21.35 0.68
CA SER A 139 -10.85 -20.33 -0.36
C SER A 139 -11.56 -19.07 0.10
N ARG A 140 -12.33 -19.16 1.18
CA ARG A 140 -12.97 -17.98 1.74
C ARG A 140 -12.47 -17.51 3.11
N LEU A 141 -11.31 -18.02 3.50
CA LEU A 141 -10.73 -17.71 4.78
C LEU A 141 -9.62 -16.71 4.58
N GLU A 142 -9.68 -15.58 5.28
CA GLU A 142 -8.71 -14.51 5.11
C GLU A 142 -8.00 -14.28 6.43
N ALA A 143 -6.71 -14.52 6.47
CA ALA A 143 -5.96 -14.28 7.70
C ALA A 143 -5.49 -12.84 7.64
N TRP A 144 -6.06 -12.00 8.52
CA TRP A 144 -5.71 -10.57 8.59
C TRP A 144 -4.74 -10.27 9.70
N HIS A 145 -3.66 -9.60 9.35
CA HIS A 145 -2.75 -9.06 10.36
C HIS A 145 -3.40 -7.88 11.03
N ASN A 146 -2.89 -7.54 12.18
CA ASN A 146 -3.33 -6.39 12.90
C ASN A 146 -2.59 -5.16 12.46
N TYR A 147 -3.02 -3.99 12.95
CA TYR A 147 -2.21 -2.77 12.85
C TYR A 147 -1.83 -2.23 14.21
N TYR A 148 -0.92 -1.27 14.25
CA TYR A 148 -0.26 -0.93 15.50
C TYR A 148 -0.20 0.56 15.67
N PRO A 149 -1.19 1.13 16.41
CA PRO A 149 -1.21 2.58 16.69
C PRO A 149 0.01 3.08 17.46
N ARG A 150 0.53 2.28 18.41
CA ARG A 150 1.62 2.77 19.23
C ARG A 150 2.95 2.56 18.52
N PRO A 151 3.72 3.65 18.29
CA PRO A 151 5.05 3.53 17.69
C PRO A 151 5.87 2.45 18.40
N GLU A 152 6.66 1.70 17.62
CA GLU A 152 7.61 0.72 18.17
C GLU A 152 6.99 -0.63 18.49
N THR A 153 5.73 -0.84 18.12
CA THR A 153 5.05 -2.08 18.48
C THR A 153 4.65 -2.95 17.24
N GLY A 154 4.91 -2.44 16.04
CA GLY A 154 4.66 -3.21 14.81
C GLY A 154 5.60 -4.41 14.71
N ILE A 155 5.17 -5.36 13.88
CA ILE A 155 5.87 -6.61 13.75
C ILE A 155 7.07 -6.45 12.84
N GLY A 156 7.99 -7.41 12.92
CA GLY A 156 9.22 -7.42 12.13
C GLY A 156 9.07 -8.24 10.88
N THR A 157 9.95 -8.00 9.90
CA THR A 157 9.83 -8.63 8.58
C THR A 157 9.94 -10.16 8.64
N THR A 158 10.86 -10.62 9.48
CA THR A 158 11.17 -12.04 9.66
C THR A 158 9.97 -12.84 10.17
N PHE A 159 9.42 -12.39 11.30
CA PHE A 159 8.23 -12.99 11.90
C PHE A 159 7.07 -12.94 10.91
N PHE A 160 6.90 -11.80 10.26
CA PHE A 160 5.87 -11.60 9.26
C PHE A 160 6.04 -12.61 8.11
N ASN A 161 7.25 -12.72 7.58
CA ASN A 161 7.52 -13.62 6.47
C ASN A 161 7.31 -15.07 6.90
N GLU A 162 7.80 -15.36 8.10
CA GLU A 162 7.67 -16.68 8.71
C GLU A 162 6.20 -17.06 8.86
N LYS A 163 5.40 -16.13 9.39
CA LYS A 163 4.00 -16.35 9.64
C LYS A 163 3.24 -16.56 8.32
N ASN A 164 3.49 -15.67 7.36
CA ASN A 164 2.78 -15.70 6.10
C ASN A 164 3.02 -16.99 5.31
N ARG A 165 4.26 -17.46 5.28
CA ARG A 165 4.60 -18.71 4.59
C ARG A 165 3.80 -19.87 5.15
N TRP A 166 3.80 -19.96 6.48
CA TRP A 166 2.99 -20.92 7.23
C TRP A 166 1.52 -20.79 6.86
N LEU A 167 0.98 -19.58 7.01
CA LEU A 167 -0.42 -19.31 6.66
C LEU A 167 -0.75 -19.80 5.26
N LYS A 168 0.08 -19.44 4.28
CA LYS A 168 -0.18 -19.83 2.89
C LYS A 168 -0.04 -21.34 2.69
N GLU A 169 0.89 -21.95 3.44
CA GLU A 169 1.12 -23.39 3.41
C GLU A 169 -0.11 -24.12 3.92
N LEU A 170 -0.85 -23.44 4.81
CA LEU A 170 -2.11 -23.96 5.37
C LEU A 170 -3.33 -23.66 4.48
N GLY A 171 -3.10 -23.08 3.31
CA GLY A 171 -4.18 -22.77 2.36
C GLY A 171 -4.90 -21.42 2.49
N LEU A 172 -4.43 -20.56 3.39
CA LEU A 172 -5.13 -19.30 3.70
C LEU A 172 -4.69 -18.10 2.86
N GLN A 173 -5.53 -17.07 2.78
CA GLN A 173 -5.17 -15.80 2.18
C GLN A 173 -4.55 -14.91 3.28
N VAL A 174 -3.56 -14.10 2.88
CA VAL A 174 -2.85 -13.21 3.81
C VAL A 174 -3.15 -11.76 3.46
N PHE A 175 -3.69 -11.04 4.44
CA PHE A 175 -4.05 -9.63 4.31
C PHE A 175 -3.24 -8.83 5.36
N THR A 176 -2.78 -7.67 4.96
CA THR A 176 -1.91 -6.85 5.77
C THR A 176 -2.27 -5.37 5.59
N PHE A 177 -1.87 -4.54 6.54
CA PHE A 177 -2.10 -3.11 6.45
C PHE A 177 -0.82 -2.32 6.14
N VAL A 178 -1.01 -1.13 5.56
CA VAL A 178 0.04 -0.13 5.58
C VAL A 178 -0.61 1.10 6.21
N PRO A 179 0.20 2.03 6.75
CA PRO A 179 -0.38 3.24 7.30
C PRO A 179 -0.82 4.20 6.19
N GLY A 180 -1.67 5.14 6.52
CA GLY A 180 -2.00 6.23 5.61
C GLY A 180 -1.31 7.52 6.05
N ASP A 181 -1.30 8.52 5.18
CA ASP A 181 -0.59 9.76 5.46
C ASP A 181 -1.41 11.01 5.15
N GLY A 182 -2.72 10.84 4.98
CA GLY A 182 -3.67 11.94 4.87
C GLY A 182 -4.22 12.23 6.28
N GLN A 183 -5.45 11.80 6.53
CA GLN A 183 -6.04 11.74 7.87
C GLN A 183 -5.63 10.49 8.63
N THR A 184 -4.83 10.69 9.68
CA THR A 184 -4.38 9.57 10.50
C THR A 184 -5.34 9.36 11.68
N ARG A 185 -5.49 8.12 12.12
CA ARG A 185 -6.39 7.78 13.21
C ARG A 185 -5.75 8.18 14.54
N GLY A 186 -6.55 8.82 15.39
CA GLY A 186 -6.19 9.11 16.77
C GLY A 186 -6.23 7.85 17.62
N PRO A 187 -5.82 7.97 18.90
CA PRO A 187 -5.41 9.17 19.62
C PRO A 187 -3.91 9.52 19.46
N ILE A 188 -3.11 8.60 18.89
CA ILE A 188 -1.67 8.82 18.74
C ILE A 188 -1.28 9.48 17.42
N PHE A 189 -2.02 9.24 16.34
CA PHE A 189 -1.76 9.90 15.02
C PHE A 189 -0.38 9.58 14.43
N ALA A 190 0.12 8.39 14.74
CA ALA A 190 1.41 7.95 14.26
C ALA A 190 1.25 6.92 13.14
N GLY A 191 0.04 6.75 12.63
CA GLY A 191 -0.19 5.83 11.49
C GLY A 191 -0.55 4.46 11.99
N LEU A 192 -1.18 3.64 11.15
CA LEU A 192 -1.60 2.28 11.51
C LEU A 192 -0.91 1.27 10.60
N PRO A 193 0.40 1.09 10.81
CA PRO A 193 1.06 0.09 10.01
C PRO A 193 0.89 -1.29 10.64
N THR A 194 1.07 -2.33 9.83
CA THR A 194 1.37 -3.65 10.35
C THR A 194 2.86 -3.79 10.69
N LEU A 195 3.75 -3.45 9.74
CA LEU A 195 5.17 -3.65 9.92
C LEU A 195 5.75 -2.37 10.45
N GLU A 196 6.54 -2.48 11.51
CA GLU A 196 7.11 -1.26 12.11
C GLU A 196 8.00 -0.49 11.13
N LYS A 197 8.68 -1.18 10.21
CA LYS A 197 9.54 -0.48 9.25
C LYS A 197 8.73 0.47 8.35
N HIS A 198 7.41 0.35 8.33
CA HIS A 198 6.61 1.25 7.54
C HIS A 198 6.16 2.50 8.28
N ARG A 199 6.55 2.61 9.54
CA ARG A 199 6.13 3.71 10.40
C ARG A 199 6.63 5.02 9.80
N GLY A 200 5.67 5.91 9.51
CA GLY A 200 5.99 7.21 8.95
C GLY A 200 6.56 7.15 7.54
N GLN A 201 6.38 6.02 6.85
CA GLN A 201 6.93 5.87 5.48
C GLN A 201 5.86 6.13 4.39
N ASN A 202 6.30 6.33 3.16
CA ASN A 202 5.44 6.53 2.00
C ASN A 202 4.54 5.30 1.87
N PRO A 203 3.23 5.48 2.09
CA PRO A 203 2.28 4.36 1.96
C PRO A 203 2.28 3.69 0.59
N PHE A 204 2.47 4.45 -0.48
CA PHE A 204 2.52 3.87 -1.82
C PHE A 204 3.67 2.88 -1.94
N ALA A 205 4.86 3.30 -1.52
CA ALA A 205 6.01 2.42 -1.58
C ALA A 205 5.80 1.18 -0.69
N ALA A 206 5.17 1.38 0.47
CA ALA A 206 4.93 0.31 1.41
C ALA A 206 3.98 -0.73 0.81
N ALA A 207 2.89 -0.25 0.21
CA ALA A 207 1.86 -1.10 -0.39
C ALA A 207 2.36 -1.89 -1.57
N VAL A 208 2.97 -1.18 -2.52
CA VAL A 208 3.54 -1.83 -3.67
C VAL A 208 4.57 -2.92 -3.27
N GLY A 209 5.47 -2.60 -2.33
CA GLY A 209 6.47 -3.58 -1.92
C GLY A 209 5.83 -4.82 -1.32
N LEU A 210 4.84 -4.62 -0.46
CA LEU A 210 4.15 -5.73 0.18
C LEU A 210 3.42 -6.60 -0.83
N ALA A 212 4.20 -7.11 -3.85
CA ALA A 212 5.15 -7.92 -4.62
C ALA A 212 5.57 -9.16 -3.83
N ASP A 213 5.35 -9.16 -2.53
CA ASP A 213 5.78 -10.32 -1.74
C ASP A 213 4.92 -11.53 -2.12
N PRO A 214 5.55 -12.69 -2.44
CA PRO A 214 4.78 -13.83 -2.92
C PRO A 214 3.84 -14.42 -1.86
N TYR A 215 3.99 -14.01 -0.61
CA TYR A 215 3.13 -14.53 0.47
C TYR A 215 2.09 -13.57 1.02
N VAL A 216 1.93 -12.41 0.38
CA VAL A 216 0.89 -11.45 0.77
C VAL A 216 -0.14 -11.42 -0.37
N ASP A 217 -1.41 -11.47 -0.03
CA ASP A 217 -2.41 -11.47 -1.08
C ASP A 217 -3.08 -10.11 -1.23
N ALA A 218 -3.09 -9.33 -0.15
CA ALA A 218 -3.79 -8.05 -0.16
C ALA A 218 -3.18 -7.02 0.77
N VAL A 219 -3.27 -5.76 0.39
CA VAL A 219 -2.75 -4.67 1.20
C VAL A 219 -3.81 -3.58 1.36
N TYR A 220 -4.07 -3.20 2.62
CA TYR A 220 -5.05 -2.19 2.99
C TYR A 220 -4.42 -0.98 3.68
N ILE A 221 -4.89 0.20 3.32
CA ILE A 221 -4.57 1.41 4.09
C ILE A 221 -5.25 1.27 5.45
N GLY A 222 -4.45 1.38 6.53
CA GLY A 222 -4.97 1.28 7.89
C GLY A 222 -5.65 2.56 8.36
N ASP A 223 -5.02 3.72 8.10
CA ASP A 223 -5.63 4.99 8.50
C ASP A 223 -6.82 5.43 7.62
N PRO A 224 -7.62 6.43 8.08
CA PRO A 224 -8.75 6.94 7.29
C PRO A 224 -8.50 7.31 5.83
N THR A 225 -7.40 7.98 5.52
CA THR A 225 -7.10 8.41 4.16
C THR A 225 -5.60 8.47 3.93
N ILE A 226 -5.23 8.51 2.65
CA ILE A 226 -3.87 8.85 2.25
C ILE A 226 -3.94 10.25 1.69
N SER A 227 -2.79 10.93 1.58
CA SER A 227 -2.75 12.28 1.04
C SER A 227 -3.00 12.26 -0.49
N GLU A 228 -3.39 13.41 -1.05
CA GLU A 228 -3.51 13.58 -2.49
C GLU A 228 -2.26 13.15 -3.26
N ARG A 229 -1.09 13.46 -2.71
CA ARG A 229 0.20 13.14 -3.30
C ARG A 229 0.35 11.63 -3.46
N THR A 230 -0.01 10.93 -2.39
CA THR A 230 0.12 9.49 -2.35
C THR A 230 -0.92 8.83 -3.26
N ALA A 232 -2.00 10.11 -5.98
CA ALA A 232 -1.46 10.38 -7.33
C ALA A 232 -0.43 9.35 -7.70
N GLN A 233 0.38 8.91 -6.71
CA GLN A 233 1.40 7.90 -6.96
C GLN A 233 0.71 6.55 -7.26
N PHE A 234 -0.28 6.17 -6.45
CA PHE A 234 -1.07 4.96 -6.72
C PHE A 234 -1.66 5.06 -8.12
N GLY A 235 -2.30 6.20 -8.40
CA GLY A 235 -3.02 6.38 -9.63
C GLY A 235 -2.09 6.31 -10.80
N TYR A 236 -0.95 6.97 -10.71
CA TYR A 236 0.02 6.98 -11.79
C TYR A 236 0.52 5.55 -12.09
N TYR A 237 0.84 4.81 -11.04
CA TYR A 237 1.30 3.44 -11.16
C TYR A 237 0.19 2.57 -11.74
N HIS A 238 -1.03 2.77 -11.26
CA HIS A 238 -2.12 1.92 -11.69
C HIS A 238 -2.46 2.13 -13.19
N GLN A 239 -2.42 3.36 -13.66
CA GLN A 239 -2.76 3.64 -15.06
C GLN A 239 -1.65 3.40 -16.05
N THR A 240 -0.42 3.59 -15.61
CA THR A 240 0.74 3.58 -16.54
C THR A 240 1.83 2.56 -16.22
N ASN A 241 1.74 1.89 -15.07
CA ASN A 241 2.82 0.97 -14.64
CA ASN A 241 2.81 0.99 -14.61
C ASN A 241 4.13 1.73 -14.33
N GLN A 242 4.06 3.04 -14.18
CA GLN A 242 5.26 3.82 -13.91
C GLN A 242 5.28 4.27 -12.48
N PHE A 243 6.48 4.28 -11.89
CA PHE A 243 6.73 4.81 -10.57
C PHE A 243 7.00 6.31 -10.68
N LEU A 244 6.25 7.10 -9.95
CA LEU A 244 6.31 8.54 -10.05
C LEU A 244 7.05 9.07 -8.83
N LEU A 245 8.14 9.81 -9.06
CA LEU A 245 8.96 10.32 -7.95
C LEU A 245 9.32 11.77 -8.19
N GLU A 246 9.51 12.51 -7.10
CA GLU A 246 9.91 13.93 -7.13
C GLU A 246 11.41 14.14 -6.89
N VAL A 247 11.97 15.19 -7.46
CA VAL A 247 13.37 15.52 -7.27
C VAL A 247 13.45 16.92 -6.72
N ALA A 248 14.55 17.22 -6.03
CA ALA A 248 14.79 18.55 -5.49
C ALA A 248 14.97 19.56 -6.62
N PRO A 249 14.64 20.85 -6.39
CA PRO A 249 14.97 21.90 -7.37
C PRO A 249 16.46 21.91 -7.68
N SER A 250 16.84 22.22 -8.92
CA SER A 250 18.23 22.35 -9.30
C SER A 250 18.41 23.40 -10.37
N GLU A 251 19.60 23.97 -10.40
CA GLU A 251 19.93 25.01 -11.36
C GLU A 251 20.64 24.38 -12.55
N SER A 252 20.84 23.08 -12.46
CA SER A 252 21.58 22.36 -13.49
C SER A 252 21.06 22.64 -14.91
N ARG A 253 21.99 22.78 -15.86
CA ARG A 253 21.66 22.80 -17.29
C ARG A 253 21.09 21.46 -17.78
N TYR A 254 21.26 20.41 -16.99
CA TYR A 254 20.85 19.08 -17.42
C TYR A 254 19.59 18.60 -16.74
N LEU A 255 18.92 19.50 -16.02
CA LEU A 255 17.72 19.12 -15.30
C LEU A 255 16.62 18.60 -16.24
N LYS A 256 16.41 19.30 -17.36
CA LYS A 256 15.35 18.96 -18.32
C LYS A 256 15.59 17.64 -19.01
N ARG A 257 16.86 17.28 -19.19
CA ARG A 257 17.20 16.00 -19.75
C ARG A 257 16.78 14.91 -18.82
N ILE A 258 16.84 15.14 -17.52
CA ILE A 258 16.53 14.06 -16.61
C ILE A 258 15.08 14.00 -16.14
N LEU A 259 14.35 15.10 -16.25
CA LEU A 259 12.92 15.10 -15.94
C LEU A 259 12.18 14.31 -17.04
N GLY A 260 11.17 13.53 -16.66
CA GLY A 260 10.45 12.67 -17.60
C GLY A 260 10.55 11.18 -17.26
N THR A 261 10.19 10.34 -18.22
CA THR A 261 10.15 8.88 -18.05
C THR A 261 11.44 8.21 -18.47
N HIS A 262 11.92 7.32 -17.61
CA HIS A 262 13.08 6.47 -17.89
C HIS A 262 12.67 5.01 -17.70
N THR A 263 13.39 4.13 -18.40
CA THR A 263 13.28 2.70 -18.20
C THR A 263 14.58 2.17 -17.62
N ASN A 264 14.49 1.54 -16.45
CA ASN A 264 15.62 0.79 -15.91
C ASN A 264 16.01 -0.39 -16.81
N ARG A 265 17.29 -0.45 -17.15
CA ARG A 265 17.86 -1.57 -17.92
C ARG A 265 17.40 -2.89 -17.32
N LEU A 266 17.14 -3.85 -18.21
CA LEU A 266 16.77 -5.19 -17.82
C LEU A 266 17.93 -5.97 -17.14
N ASP A 267 19.16 -5.58 -17.37
CA ASP A 267 20.23 -6.14 -16.56
C ASP A 267 20.58 -5.11 -15.52
N ALA A 268 19.82 -5.15 -14.42
CA ALA A 268 19.82 -4.08 -13.43
C ALA A 268 21.10 -4.07 -12.58
N ALA A 269 21.70 -2.90 -12.44
CA ALA A 269 22.90 -2.71 -11.66
C ALA A 269 22.60 -2.83 -10.16
N ARG A 270 23.59 -3.29 -9.39
CA ARG A 270 23.48 -3.32 -7.95
C ARG A 270 23.35 -1.87 -7.43
N ASP A 271 24.20 -0.98 -7.93
CA ASP A 271 24.47 0.30 -7.28
C ASP A 271 23.56 1.45 -7.72
N VAL A 272 23.00 1.32 -8.92
CA VAL A 272 22.35 2.44 -9.61
C VAL A 272 21.16 1.94 -10.42
N LEU A 273 20.21 2.82 -10.63
CA LEU A 273 19.24 2.66 -11.69
C LEU A 273 19.87 3.25 -12.96
N ARG A 274 19.73 2.57 -14.08
CA ARG A 274 20.34 3.08 -15.33
C ARG A 274 19.29 3.33 -16.39
N SER A 275 19.22 4.57 -16.86
CA SER A 275 18.24 4.95 -17.87
C SER A 275 18.76 4.48 -19.21
N GLU A 276 18.04 3.51 -19.77
CA GLU A 276 18.52 2.83 -20.95
C GLU A 276 18.69 3.66 -22.23
N LEU A 277 18.18 4.88 -22.25
CA LEU A 277 18.28 5.72 -23.44
C LEU A 277 19.05 7.03 -23.20
N ALA A 290 23.62 18.00 -26.70
CA ALA A 290 24.61 17.22 -27.45
C ALA A 290 25.73 16.77 -26.49
N THR A 291 26.90 17.43 -26.57
CA THR A 291 27.99 17.26 -25.60
C THR A 291 27.51 17.58 -24.17
N ILE A 292 27.77 16.67 -23.23
CA ILE A 292 27.54 16.94 -21.81
C ILE A 292 28.84 17.44 -21.21
N GLU A 293 28.90 18.73 -20.91
CA GLU A 293 30.10 19.31 -20.32
C GLU A 293 30.18 18.97 -18.85
N SER A 294 31.39 18.95 -18.32
CA SER A 294 31.62 18.90 -16.88
C SER A 294 30.87 20.04 -16.14
N GLU A 295 30.08 19.71 -15.13
CA GLU A 295 29.34 20.77 -14.40
C GLU A 295 29.68 20.71 -12.89
N GLN A 296 28.80 20.15 -12.07
CA GLN A 296 29.14 19.78 -10.70
C GLN A 296 29.30 18.26 -10.64
N THR A 297 30.37 17.81 -10.00
CA THR A 297 30.62 16.39 -9.84
C THR A 297 30.86 16.11 -8.37
N GLU A 298 29.79 16.15 -7.57
CA GLU A 298 29.90 15.97 -6.12
C GLU A 298 29.61 14.53 -5.68
N ALA A 299 29.75 14.25 -4.39
CA ALA A 299 29.38 12.95 -3.84
C ALA A 299 27.97 12.54 -4.30
N ARG A 300 27.67 11.25 -4.34
CA ARG A 300 26.37 10.80 -4.86
C ARG A 300 25.58 9.97 -3.83
N PRO A 301 25.11 10.60 -2.73
CA PRO A 301 24.36 9.81 -1.75
C PRO A 301 23.11 9.18 -2.37
N VAL A 302 22.57 8.17 -1.70
CA VAL A 302 21.41 7.45 -2.21
C VAL A 302 20.34 8.43 -2.73
N GLY A 303 19.92 8.22 -3.97
CA GLY A 303 18.85 9.02 -4.57
C GLY A 303 19.37 10.06 -5.54
N THR A 304 20.69 10.23 -5.59
CA THR A 304 21.32 11.20 -6.48
C THR A 304 21.08 10.87 -7.95
N VAL A 305 20.56 11.86 -8.67
CA VAL A 305 20.38 11.76 -10.13
C VAL A 305 21.56 12.39 -10.85
N THR A 306 22.16 11.59 -11.73
CA THR A 306 23.43 11.94 -12.37
C THR A 306 23.36 11.78 -13.88
N ILE A 307 24.24 12.49 -14.58
CA ILE A 307 24.43 12.29 -16.00
C ILE A 307 25.93 12.21 -16.27
N ASP A 308 26.34 11.20 -17.03
CA ASP A 308 27.76 11.05 -17.37
C ASP A 308 28.21 12.18 -18.30
N ASN A 309 29.32 12.85 -17.97
CA ASN A 309 29.77 13.94 -18.84
C ASN A 309 30.72 13.46 -19.93
N GLU A 310 31.29 14.39 -20.71
CA GLU A 310 32.16 14.06 -21.83
C GLU A 310 33.43 13.30 -21.43
N LYS A 311 33.82 13.44 -20.16
CA LYS A 311 35.03 12.73 -19.66
C LYS A 311 34.82 11.23 -19.59
N TYR A 312 33.57 10.78 -19.62
CA TYR A 312 33.25 9.36 -19.56
C TYR A 312 33.19 8.75 -20.95
N GLY A 313 33.63 9.51 -21.96
CA GLY A 313 33.78 9.00 -23.31
C GLY A 313 32.48 8.45 -23.84
N ARG A 314 32.48 7.19 -24.27
CA ARG A 314 31.27 6.60 -24.85
C ARG A 314 30.08 6.48 -23.88
N TYR A 315 30.35 6.60 -22.58
CA TYR A 315 29.25 6.65 -21.61
C TYR A 315 28.62 8.02 -21.40
N GLY A 317 26.34 10.98 -21.23
CA GLY A 317 24.91 11.09 -21.36
C GLY A 317 24.11 9.99 -20.67
N GLU A 318 24.76 8.93 -20.20
CA GLU A 318 24.06 7.94 -19.37
C GLU A 318 23.48 8.61 -18.14
N ILE A 319 22.22 8.33 -17.87
CA ILE A 319 21.52 8.88 -16.71
C ILE A 319 21.38 7.76 -15.69
N GLN A 320 21.74 8.08 -14.46
CA GLN A 320 21.61 7.14 -13.36
C GLN A 320 20.94 7.78 -12.15
N VAL A 321 20.33 6.94 -11.34
CA VAL A 321 19.93 7.32 -10.00
C VAL A 321 20.64 6.30 -9.10
N THR A 322 21.34 6.82 -8.08
CA THR A 322 22.03 5.96 -7.13
C THR A 322 21.14 5.24 -6.14
N LEU A 323 21.41 3.94 -5.96
CA LEU A 323 20.62 3.10 -5.05
C LEU A 323 21.33 3.00 -3.70
N VAL A 324 22.61 3.37 -3.69
CA VAL A 324 23.49 3.34 -2.52
C VAL A 324 24.34 4.64 -2.55
N ASP A 325 25.02 4.96 -1.45
CA ASP A 325 25.95 6.10 -1.41
C ASP A 325 27.16 5.79 -2.28
N LEU A 326 27.37 6.61 -3.30
CA LEU A 326 28.54 6.52 -4.16
C LEU A 326 29.44 7.74 -4.00
N PRO A 327 30.75 7.55 -4.14
CA PRO A 327 31.62 8.70 -3.96
C PRO A 327 31.62 9.62 -5.22
N LYS A 328 32.14 10.84 -5.05
CA LYS A 328 32.44 11.80 -6.11
C LYS A 328 33.18 11.15 -7.29
N ASP A 329 32.78 11.50 -8.52
CA ASP A 329 33.46 11.05 -9.74
C ASP A 329 33.51 12.23 -10.73
N GLU A 330 34.71 12.68 -11.11
CA GLU A 330 34.89 13.84 -12.03
C GLU A 330 34.11 13.68 -13.35
N LYS A 331 33.86 12.43 -13.72
CA LYS A 331 33.23 12.10 -14.99
C LYS A 331 31.71 12.04 -14.93
N VAL A 332 31.14 12.29 -13.76
CA VAL A 332 29.69 12.10 -13.53
C VAL A 332 29.12 13.40 -12.94
N ASN A 333 28.31 14.15 -13.71
CA ASN A 333 27.63 15.34 -13.19
C ASN A 333 26.50 14.96 -12.23
N THR A 334 26.43 15.67 -11.10
CA THR A 334 25.34 15.45 -10.17
C THR A 334 24.31 16.53 -10.43
N ILE A 335 23.07 16.11 -10.70
CA ILE A 335 22.04 17.04 -11.20
C ILE A 335 21.07 17.41 -10.11
N THR A 336 20.47 16.40 -9.48
CA THR A 336 19.54 16.66 -8.40
C THR A 336 19.47 15.37 -7.59
N ARG A 337 18.51 15.29 -6.68
CA ARG A 337 18.34 14.16 -5.80
C ARG A 337 16.85 13.83 -5.61
N ILE A 338 16.48 12.55 -5.61
CA ILE A 338 15.14 12.13 -5.23
C ILE A 338 14.76 12.62 -3.84
N ILE A 339 13.56 13.16 -3.73
CA ILE A 339 13.00 13.67 -2.48
C ILE A 339 13.02 12.58 -1.39
N ASP A 340 13.39 12.97 -0.18
CA ASP A 340 13.56 12.01 0.91
C ASP A 340 12.38 11.03 0.95
N LYS A 341 11.18 11.58 0.92
CA LYS A 341 9.94 10.82 1.03
C LYS A 341 9.75 9.80 -0.10
N ASP A 342 10.36 10.01 -1.26
CA ASP A 342 10.18 9.06 -2.36
C ASP A 342 11.28 8.02 -2.44
N GLN A 343 12.29 8.15 -1.60
CA GLN A 343 13.41 7.22 -1.72
C GLN A 343 13.10 5.75 -1.40
N THR A 344 12.04 5.46 -0.66
CA THR A 344 11.67 4.05 -0.48
C THR A 344 11.02 3.42 -1.73
N ILE A 345 10.75 4.22 -2.75
CA ILE A 345 10.27 3.70 -4.03
C ILE A 345 11.42 3.10 -4.83
N LEU A 346 12.63 3.65 -4.63
CA LEU A 346 13.81 3.19 -5.41
C LEU A 346 14.08 1.70 -5.43
N PRO A 347 14.08 0.99 -4.28
CA PRO A 347 14.26 -0.48 -4.36
C PRO A 347 13.09 -1.23 -5.04
N LEU A 348 11.98 -0.54 -5.31
CA LEU A 348 10.84 -1.16 -5.99
C LEU A 348 11.04 -1.19 -7.49
N ILE A 349 11.99 -0.39 -7.94
CA ILE A 349 12.24 -0.20 -9.37
C ILE A 349 13.21 -1.28 -9.80
N LYS A 350 12.64 -2.33 -10.36
CA LYS A 350 13.38 -3.50 -10.80
C LYS A 350 13.87 -3.38 -12.24
N ALA A 351 14.58 -4.44 -12.66
CA ALA A 351 14.99 -4.63 -14.05
C ALA A 351 13.77 -4.35 -14.96
N GLY A 352 13.96 -3.49 -15.95
CA GLY A 352 12.92 -3.15 -16.90
C GLY A 352 11.77 -2.26 -16.44
N ASN A 353 11.70 -1.90 -15.14
CA ASN A 353 10.64 -1.01 -14.68
C ASN A 353 10.82 0.45 -15.10
N GLN A 354 9.71 1.11 -15.40
CA GLN A 354 9.72 2.55 -15.73
C GLN A 354 9.47 3.44 -14.55
N PHE A 355 10.09 4.61 -14.61
CA PHE A 355 9.94 5.61 -13.56
C PHE A 355 10.04 7.00 -14.14
N THR A 356 9.23 7.91 -13.60
CA THR A 356 9.06 9.25 -14.11
C THR A 356 9.49 10.24 -13.01
N LEU A 357 10.40 11.13 -13.35
CA LEU A 357 10.94 12.10 -12.39
C LEU A 357 10.24 13.40 -12.67
N VAL A 358 9.67 14.00 -11.62
CA VAL A 358 9.01 15.28 -11.74
C VAL A 358 9.54 16.22 -10.65
N THR A 359 9.39 17.50 -10.86
CA THR A 359 9.99 18.42 -9.91
C THR A 359 9.11 18.53 -8.64
N GLU A 360 9.76 18.84 -7.53
CA GLU A 360 9.14 18.78 -6.22
C GLU A 360 7.85 19.61 -6.16
N GLY A 361 6.80 18.98 -5.62
CA GLY A 361 5.51 19.61 -5.38
C GLY A 361 4.51 19.45 -6.51
N THR A 362 4.88 18.75 -7.59
CA THR A 362 4.04 18.71 -8.80
C THR A 362 3.36 17.35 -9.05
N ILE A 363 3.59 16.39 -8.17
CA ILE A 363 3.02 15.05 -8.33
C ILE A 363 1.50 15.12 -8.55
N GLU A 364 0.80 15.91 -7.74
CA GLU A 364 -0.65 16.06 -7.86
C GLU A 364 -1.12 16.54 -9.24
N ASN A 365 -0.53 17.61 -9.76
CA ASN A 365 -0.91 18.08 -11.09
CA ASN A 365 -0.87 18.11 -11.09
C ASN A 365 -0.43 17.19 -12.21
N GLU A 366 0.66 16.48 -11.98
CA GLU A 366 1.16 15.57 -12.98
C GLU A 366 0.16 14.42 -13.17
N PHE A 367 -0.40 13.91 -12.05
CA PHE A 367 -1.46 12.91 -12.16
C PHE A 367 -2.76 13.47 -12.75
N ARG A 368 -3.11 14.72 -12.39
CA ARG A 368 -4.27 15.41 -12.97
C ARG A 368 -4.20 15.50 -14.49
N LYS A 369 -2.98 15.71 -14.99
CA LYS A 369 -2.73 15.93 -16.40
C LYS A 369 -3.11 14.70 -17.17
N LEU A 370 -2.80 13.54 -16.63
CA LEU A 370 -3.15 12.27 -17.25
C LEU A 370 -4.62 12.14 -17.60
N ASN A 371 -5.48 12.76 -16.78
CA ASN A 371 -6.94 12.59 -16.87
C ASN A 371 -7.67 13.85 -17.29
N ASN A 372 -6.93 14.83 -17.78
CA ASN A 372 -7.45 16.11 -18.36
C ASN A 372 -7.29 17.40 -17.49
#